data_4DAU
#
_entry.id   4DAU
#
_cell.length_a   81.220
_cell.length_b   110.240
_cell.length_c   61.870
_cell.angle_alpha   90.000
_cell.angle_beta   90.000
_cell.angle_gamma   90.000
#
_symmetry.space_group_name_H-M   'C 2 2 21'
#
loop_
_entity.id
_entity.type
_entity.pdbx_description
1 polymer '14-3-3 protein sigma'
2 polymer 'Peptidylarginine Deiminase type VI'
3 water water
#
loop_
_entity_poly.entity_id
_entity_poly.type
_entity_poly.pdbx_seq_one_letter_code
_entity_poly.pdbx_strand_id
1 'polypeptide(L)'
;MGSMERASLIQKAKLAEQAERYEDMAAFMKGAVEKGEELSCEERNLLSVAYKNVVGGQRAAWRVLSSIEQKSNEEGSEEK
GPEVREYREKVETELQGVCDTVLGLLDSHLIKEAGDAESRVFYLKMKGDYYRYLAEVATGDDKKRIIDSARSAYQEAMDI
SKKEMPPTNPIRLGLALNFSVFHYEIANSPEEAISLAKTTFDEAMADLHTLSEDSYKDSTLIMQLLRDNLTLWT
;
A
2 'polypeptide(L)' MVSVEGRAM(SEP)FQS B
#
# COMPACT_ATOMS: atom_id res chain seq x y z
N MET A 1 -17.25 -1.31 -16.00
CA MET A 1 -17.78 -0.15 -15.22
C MET A 1 -17.88 0.99 -16.18
N GLY A 2 -17.69 0.63 -17.45
CA GLY A 2 -17.60 1.58 -18.58
C GLY A 2 -18.84 2.43 -18.73
N SER A 3 -19.99 1.84 -18.41
CA SER A 3 -21.28 2.55 -18.61
C SER A 3 -21.71 3.35 -17.37
N MET A 4 -21.00 3.20 -16.25
CA MET A 4 -21.44 3.93 -15.07
C MET A 4 -20.71 5.26 -14.95
N GLU A 5 -21.41 6.31 -14.56
CA GLU A 5 -20.83 7.59 -14.25
C GLU A 5 -19.71 7.49 -13.26
N ARG A 6 -18.65 8.28 -13.50
CA ARG A 6 -17.60 8.35 -12.53
C ARG A 6 -18.16 8.61 -11.14
N ALA A 7 -19.02 9.62 -11.00
CA ALA A 7 -19.46 9.99 -9.67
C ALA A 7 -20.24 8.85 -9.01
N SER A 8 -21.01 8.15 -9.85
CA SER A 8 -21.77 6.97 -9.41
C SER A 8 -20.84 5.84 -8.92
N LEU A 9 -19.72 5.62 -9.62
CA LEU A 9 -18.71 4.61 -9.18
C LEU A 9 -18.15 4.98 -7.82
N ILE A 10 -17.87 6.25 -7.63
CA ILE A 10 -17.32 6.74 -6.38
C ILE A 10 -18.37 6.60 -5.28
N GLN A 11 -19.59 7.04 -5.57
CA GLN A 11 -20.65 6.87 -4.59
C GLN A 11 -20.85 5.41 -4.19
N LYS A 12 -20.78 4.51 -5.18
CA LYS A 12 -20.99 3.08 -4.91
C LYS A 12 -19.77 2.48 -4.22
N ALA A 13 -18.56 2.94 -4.56
CA ALA A 13 -17.39 2.50 -3.80
C ALA A 13 -17.57 2.83 -2.34
N LYS A 14 -18.11 4.02 -1.98
CA LYS A 14 -18.31 4.35 -0.55
C LYS A 14 -19.35 3.51 0.14
N LEU A 15 -20.42 3.25 -0.55
CA LEU A 15 -21.46 2.29 -0.07
C LEU A 15 -20.88 0.88 0.12
N ALA A 16 -20.10 0.39 -0.84
CA ALA A 16 -19.46 -0.91 -0.74
C ALA A 16 -18.53 -0.91 0.45
N GLU A 17 -17.78 0.19 0.65
CA GLU A 17 -17.00 0.26 1.86
C GLU A 17 -17.91 0.08 3.16
N GLN A 18 -19.03 0.80 3.24
CA GLN A 18 -19.96 0.66 4.37
C GLN A 18 -20.50 -0.76 4.51
N ALA A 19 -20.67 -1.43 3.38
CA ALA A 19 -21.26 -2.73 3.36
C ALA A 19 -20.15 -3.80 3.51
N GLU A 20 -18.91 -3.35 3.73
CA GLU A 20 -17.74 -4.24 3.70
C GLU A 20 -17.71 -5.15 2.51
N ARG A 21 -18.05 -4.57 1.36
CA ARG A 21 -18.05 -5.30 0.11
C ARG A 21 -16.81 -4.86 -0.68
N TYR A 22 -15.65 -5.35 -0.29
CA TYR A 22 -14.43 -4.71 -0.82
C TYR A 22 -14.10 -5.09 -2.24
N GLU A 23 -14.54 -6.27 -2.68
CA GLU A 23 -14.35 -6.59 -4.09
C GLU A 23 -15.16 -5.69 -4.97
N ASP A 24 -16.39 -5.42 -4.55
CA ASP A 24 -17.21 -4.44 -5.27
C ASP A 24 -16.54 -3.06 -5.19
N MET A 25 -16.04 -2.70 -4.01
CA MET A 25 -15.47 -1.41 -3.82
C MET A 25 -14.33 -1.26 -4.83
N ALA A 26 -13.51 -2.30 -4.92
CA ALA A 26 -12.37 -2.27 -5.82
C ALA A 26 -12.81 -2.21 -7.26
N ALA A 27 -13.79 -2.98 -7.65
CA ALA A 27 -14.28 -2.95 -9.03
C ALA A 27 -14.77 -1.56 -9.34
N PHE A 28 -15.46 -0.92 -8.38
CA PHE A 28 -16.01 0.42 -8.63
C PHE A 28 -14.81 1.43 -8.77
N MET A 29 -13.86 1.32 -7.86
CA MET A 29 -12.73 2.21 -7.94
C MET A 29 -11.84 2.03 -9.20
N LYS A 30 -11.71 0.79 -9.65
CA LYS A 30 -11.01 0.50 -10.88
C LYS A 30 -11.81 1.20 -12.04
N GLY A 31 -13.15 1.06 -12.01
CA GLY A 31 -14.00 1.74 -13.02
C GLY A 31 -13.72 3.22 -12.97
N ALA A 32 -13.64 3.77 -11.75
CA ALA A 32 -13.42 5.21 -11.63
C ALA A 32 -12.07 5.62 -12.17
N VAL A 33 -11.05 4.85 -11.81
CA VAL A 33 -9.75 5.24 -12.26
C VAL A 33 -9.78 5.18 -13.78
N GLU A 34 -10.42 4.12 -14.32
CA GLU A 34 -10.41 3.93 -15.77
C GLU A 34 -11.24 4.99 -16.53
N LYS A 35 -11.98 5.86 -15.81
CA LYS A 35 -12.52 7.08 -16.47
C LYS A 35 -11.43 8.02 -16.99
N GLY A 36 -10.19 7.84 -16.50
CA GLY A 36 -9.04 8.52 -17.08
C GLY A 36 -8.80 9.86 -16.39
N GLU A 37 -9.67 10.24 -15.45
CA GLU A 37 -9.33 11.40 -14.67
C GLU A 37 -8.49 11.11 -13.42
N GLU A 38 -7.69 12.09 -13.02
CA GLU A 38 -6.93 11.99 -11.74
C GLU A 38 -7.91 11.77 -10.57
N LEU A 39 -7.42 11.19 -9.47
CA LEU A 39 -8.25 10.90 -8.34
C LEU A 39 -7.95 11.96 -7.33
N SER A 40 -8.99 12.36 -6.61
CA SER A 40 -8.77 13.23 -5.52
C SER A 40 -8.11 12.48 -4.35
N CYS A 41 -7.74 13.23 -3.31
N CYS A 41 -7.75 13.20 -3.29
CA CYS A 41 -7.18 12.60 -2.13
CA CYS A 41 -7.18 12.59 -2.09
C CYS A 41 -8.16 11.50 -1.66
C CYS A 41 -8.13 11.56 -1.47
N GLU A 42 -9.42 11.88 -1.51
CA GLU A 42 -10.42 10.97 -0.97
C GLU A 42 -10.59 9.77 -1.85
N GLU A 43 -10.57 9.97 -3.15
CA GLU A 43 -10.69 8.84 -4.14
C GLU A 43 -9.47 7.93 -4.09
N ARG A 44 -8.29 8.49 -3.94
CA ARG A 44 -7.11 7.69 -3.81
C ARG A 44 -7.22 6.82 -2.58
N ASN A 45 -7.69 7.39 -1.47
CA ASN A 45 -7.90 6.59 -0.30
C ASN A 45 -8.89 5.47 -0.53
N LEU A 46 -9.98 5.73 -1.26
CA LEU A 46 -10.96 4.70 -1.56
C LEU A 46 -10.34 3.57 -2.36
N LEU A 47 -9.55 3.96 -3.33
CA LEU A 47 -8.86 3.00 -4.18
C LEU A 47 -7.99 2.11 -3.28
N SER A 48 -7.18 2.76 -2.45
N SER A 48 -7.19 2.73 -2.42
CA SER A 48 -6.23 2.05 -1.56
CA SER A 48 -6.23 1.95 -1.64
C SER A 48 -6.99 1.13 -0.63
C SER A 48 -6.90 1.14 -0.54
N VAL A 49 -7.95 1.68 0.07
CA VAL A 49 -8.76 0.88 1.01
C VAL A 49 -9.37 -0.38 0.31
N ALA A 50 -9.87 -0.21 -0.90
CA ALA A 50 -10.62 -1.26 -1.55
C ALA A 50 -9.61 -2.39 -1.83
N TYR A 51 -8.54 -2.04 -2.51
CA TYR A 51 -7.60 -3.10 -2.87
C TYR A 51 -6.81 -3.67 -1.69
N LYS A 52 -6.59 -2.84 -0.67
CA LYS A 52 -5.88 -3.30 0.53
C LYS A 52 -6.70 -4.42 1.15
N ASN A 53 -8.02 -4.22 1.25
CA ASN A 53 -8.89 -5.23 1.79
C ASN A 53 -8.99 -6.50 0.94
N VAL A 54 -9.14 -6.35 -0.38
CA VAL A 54 -9.18 -7.49 -1.28
C VAL A 54 -7.88 -8.25 -1.11
N VAL A 55 -6.78 -7.57 -1.30
N VAL A 55 -6.75 -7.60 -1.34
CA VAL A 55 -5.52 -8.29 -1.33
CA VAL A 55 -5.49 -8.33 -1.29
C VAL A 55 -5.18 -8.78 0.07
C VAL A 55 -5.18 -8.80 0.11
N GLY A 56 -5.66 -8.06 1.10
CA GLY A 56 -5.46 -8.42 2.49
C GLY A 56 -6.08 -9.78 2.82
N GLY A 57 -7.31 -10.02 2.37
CA GLY A 57 -7.94 -11.34 2.51
C GLY A 57 -7.18 -12.43 1.71
N GLN A 58 -6.70 -12.10 0.51
CA GLN A 58 -5.90 -13.07 -0.29
C GLN A 58 -4.56 -13.40 0.38
N ARG A 59 -3.89 -12.36 0.92
CA ARG A 59 -2.64 -12.59 1.62
C ARG A 59 -2.81 -13.48 2.85
N ALA A 60 -3.87 -13.22 3.61
CA ALA A 60 -4.16 -13.96 4.81
C ALA A 60 -4.46 -15.39 4.42
N ALA A 61 -5.23 -15.59 3.33
CA ALA A 61 -5.61 -16.96 2.89
C ALA A 61 -4.33 -17.67 2.43
N TRP A 62 -3.50 -16.96 1.66
CA TRP A 62 -2.31 -17.53 1.04
C TRP A 62 -1.41 -18.01 2.20
N ARG A 63 -1.31 -17.21 3.25
CA ARG A 63 -0.36 -17.60 4.31
C ARG A 63 -0.87 -18.82 5.06
N VAL A 64 -2.20 -18.89 5.27
CA VAL A 64 -2.79 -20.07 5.91
C VAL A 64 -2.42 -21.30 5.08
N LEU A 65 -2.68 -21.22 3.79
CA LEU A 65 -2.40 -22.30 2.83
C LEU A 65 -0.93 -22.66 2.68
N SER A 66 -0.09 -21.65 2.54
N SER A 66 -0.07 -21.65 2.69
CA SER A 66 1.33 -21.83 2.44
CA SER A 66 1.37 -21.85 2.73
C SER A 66 1.88 -22.62 3.62
C SER A 66 1.84 -22.49 4.03
N SER A 67 1.41 -22.25 4.80
N SER A 67 1.18 -22.18 5.12
CA SER A 67 1.84 -22.86 6.05
CA SER A 67 1.62 -22.76 6.39
C SER A 67 1.37 -24.33 6.09
C SER A 67 1.11 -24.21 6.53
N ILE A 68 0.11 -24.56 5.73
CA ILE A 68 -0.36 -25.94 5.62
C ILE A 68 0.52 -26.69 4.63
N GLU A 69 0.78 -26.09 3.48
CA GLU A 69 1.63 -26.72 2.48
C GLU A 69 3.00 -27.06 3.11
N GLN A 70 3.47 -26.14 3.95
CA GLN A 70 4.70 -26.20 4.79
C GLN A 70 5.88 -25.46 4.22
N GLY A 81 -1.19 -35.66 -1.42
CA GLY A 81 -1.51 -35.35 -2.83
C GLY A 81 -1.45 -33.87 -3.20
N PRO A 82 -1.92 -33.50 -4.38
CA PRO A 82 -1.50 -32.19 -4.90
C PRO A 82 -2.42 -31.01 -4.48
N GLU A 83 -3.45 -31.32 -3.71
CA GLU A 83 -4.54 -30.37 -3.54
C GLU A 83 -4.09 -29.14 -2.76
N VAL A 84 -3.32 -29.34 -1.70
CA VAL A 84 -2.89 -28.18 -0.93
C VAL A 84 -2.09 -27.25 -1.84
N ARG A 85 -1.09 -27.77 -2.54
CA ARG A 85 -0.34 -26.93 -3.47
C ARG A 85 -1.26 -26.32 -4.52
N GLU A 86 -2.14 -27.12 -5.11
CA GLU A 86 -3.05 -26.58 -6.13
C GLU A 86 -3.85 -25.39 -5.62
N TYR A 87 -4.32 -25.52 -4.40
CA TYR A 87 -5.24 -24.54 -3.92
C TYR A 87 -4.46 -23.30 -3.47
N ARG A 88 -3.23 -23.50 -2.93
CA ARG A 88 -2.38 -22.38 -2.61
C ARG A 88 -2.03 -21.62 -3.93
N GLU A 89 -1.71 -22.35 -4.99
CA GLU A 89 -1.45 -21.75 -6.31
C GLU A 89 -2.65 -21.01 -6.80
N LYS A 90 -3.84 -21.50 -6.50
CA LYS A 90 -5.05 -20.87 -7.02
C LYS A 90 -5.19 -19.52 -6.33
N VAL A 91 -5.08 -19.54 -5.00
CA VAL A 91 -5.15 -18.33 -4.22
C VAL A 91 -4.02 -17.40 -4.62
N GLU A 92 -2.82 -17.95 -4.81
CA GLU A 92 -1.67 -17.16 -5.09
C GLU A 92 -1.87 -16.46 -6.44
N THR A 93 -2.44 -17.21 -7.38
CA THR A 93 -2.65 -16.71 -8.74
C THR A 93 -3.65 -15.53 -8.73
N GLU A 94 -4.69 -15.68 -7.91
N GLU A 94 -4.70 -15.70 -7.93
CA GLU A 94 -5.69 -14.66 -7.81
CA GLU A 94 -5.71 -14.69 -7.75
C GLU A 94 -5.13 -13.38 -7.19
C GLU A 94 -5.07 -13.45 -7.10
N LEU A 95 -4.33 -13.53 -6.14
N LEU A 95 -4.25 -13.70 -6.10
CA LEU A 95 -3.66 -12.43 -5.49
CA LEU A 95 -3.53 -12.66 -5.38
C LEU A 95 -2.79 -11.72 -6.53
C LEU A 95 -2.60 -11.84 -6.28
N GLN A 96 -2.01 -12.50 -7.28
CA GLN A 96 -1.09 -11.91 -8.19
C GLN A 96 -1.89 -11.18 -9.23
N GLY A 97 -3.03 -11.71 -9.58
CA GLY A 97 -3.83 -11.00 -10.59
C GLY A 97 -4.32 -9.68 -10.01
N VAL A 98 -4.75 -9.66 -8.76
CA VAL A 98 -5.08 -8.38 -8.08
C VAL A 98 -3.92 -7.42 -8.04
N CYS A 99 -2.73 -7.88 -7.62
CA CYS A 99 -1.60 -7.01 -7.65
C CYS A 99 -1.31 -6.53 -9.02
N ASP A 100 -1.41 -7.38 -10.03
CA ASP A 100 -1.15 -6.93 -11.41
C ASP A 100 -2.17 -5.88 -11.87
N THR A 101 -3.40 -6.03 -11.44
N THR A 101 -3.40 -6.11 -11.44
CA THR A 101 -4.37 -5.03 -11.88
CA THR A 101 -4.46 -5.16 -11.73
C THR A 101 -4.20 -3.70 -11.13
C THR A 101 -4.11 -3.79 -11.16
N VAL A 102 -3.76 -3.73 -9.87
CA VAL A 102 -3.41 -2.46 -9.20
C VAL A 102 -2.21 -1.82 -9.86
N LEU A 103 -1.20 -2.64 -10.15
CA LEU A 103 0.01 -2.15 -10.79
C LEU A 103 -0.36 -1.59 -12.18
N GLY A 104 -1.36 -2.21 -12.78
CA GLY A 104 -1.76 -1.85 -14.14
C GLY A 104 -2.38 -0.50 -14.08
N LEU A 105 -3.16 -0.26 -13.04
CA LEU A 105 -3.83 1.01 -12.89
C LEU A 105 -2.86 2.14 -12.60
N LEU A 106 -1.89 1.87 -11.73
CA LEU A 106 -0.83 2.81 -11.48
C LEU A 106 -0.06 3.17 -12.72
N ASP A 107 0.25 2.17 -13.53
CA ASP A 107 1.03 2.36 -14.69
C ASP A 107 0.19 2.92 -15.85
N SER A 108 -1.13 2.70 -15.82
CA SER A 108 -2.06 3.22 -16.83
C SER A 108 -3.28 3.86 -16.22
N HIS A 109 -3.23 5.11 -15.78
CA HIS A 109 -2.08 5.99 -16.03
C HIS A 109 -1.90 6.85 -14.82
N LEU A 110 -2.25 6.31 -13.65
CA LEU A 110 -2.30 7.15 -12.43
C LEU A 110 -0.92 7.79 -12.14
N ILE A 111 0.17 7.03 -12.20
CA ILE A 111 1.45 7.60 -11.76
C ILE A 111 1.94 8.75 -12.66
N LYS A 112 1.92 8.49 -13.96
CA LYS A 112 2.37 9.46 -14.91
C LYS A 112 1.57 10.78 -14.88
N GLU A 113 0.30 10.76 -14.55
N GLU A 113 0.28 10.74 -14.58
CA GLU A 113 -0.44 12.02 -14.42
CA GLU A 113 -0.52 11.98 -14.42
C GLU A 113 -0.42 12.64 -13.02
C GLU A 113 -0.34 12.67 -13.06
N ALA A 114 0.23 11.96 -12.07
CA ALA A 114 0.31 12.46 -10.68
C ALA A 114 1.47 13.44 -10.59
N GLY A 115 1.16 14.72 -10.59
CA GLY A 115 2.21 15.75 -10.55
C GLY A 115 2.47 16.23 -9.13
N ASP A 116 1.46 16.26 -8.28
CA ASP A 116 1.64 16.79 -6.95
C ASP A 116 2.30 15.76 -6.13
N ALA A 117 3.02 16.20 -5.11
CA ALA A 117 3.71 15.28 -4.20
C ALA A 117 2.80 14.27 -3.49
N GLU A 118 1.60 14.78 -3.20
N GLU A 118 1.84 14.63 -2.64
CA GLU A 118 0.47 14.06 -2.56
CA GLU A 118 1.40 13.66 -1.52
C GLU A 118 0.04 12.84 -3.38
C GLU A 118 1.24 12.13 -1.79
N SER A 119 -0.28 13.06 -4.63
N SER A 119 -0.02 12.98 -4.19
CA SER A 119 -0.72 11.97 -5.47
CA SER A 119 -0.56 12.04 -5.17
C SER A 119 0.48 11.10 -5.80
C SER A 119 0.51 11.13 -5.71
N ARG A 120 1.63 11.70 -6.16
CA ARG A 120 2.75 10.91 -6.68
C ARG A 120 3.35 9.93 -5.67
N VAL A 121 3.58 10.41 -4.45
CA VAL A 121 4.07 9.58 -3.37
C VAL A 121 3.02 8.52 -3.05
N PHE A 122 1.74 8.91 -2.97
CA PHE A 122 0.70 7.93 -2.73
C PHE A 122 0.80 6.76 -3.73
N TYR A 123 0.87 7.05 -5.04
CA TYR A 123 0.88 6.01 -6.03
C TYR A 123 2.16 5.18 -6.07
N LEU A 124 3.29 5.86 -5.90
CA LEU A 124 4.56 5.17 -5.82
C LEU A 124 4.64 4.28 -4.63
N LYS A 125 4.15 4.75 -3.47
CA LYS A 125 4.04 3.88 -2.29
C LYS A 125 3.19 2.65 -2.63
N MET A 126 2.06 2.90 -3.29
CA MET A 126 1.17 1.85 -3.62
C MET A 126 1.85 0.87 -4.59
N LYS A 127 2.58 1.39 -5.56
CA LYS A 127 3.30 0.54 -6.47
C LYS A 127 4.25 -0.33 -5.64
N GLY A 128 4.95 0.29 -4.71
CA GLY A 128 5.91 -0.53 -3.90
C GLY A 128 5.18 -1.61 -3.11
N ASP A 129 4.05 -1.23 -2.54
CA ASP A 129 3.21 -2.15 -1.76
C ASP A 129 2.80 -3.38 -2.56
N TYR A 130 2.31 -3.16 -3.78
CA TYR A 130 1.71 -4.26 -4.54
C TYR A 130 2.85 -5.09 -5.11
N TYR A 131 3.98 -4.47 -5.44
CA TYR A 131 5.16 -5.32 -5.74
C TYR A 131 5.64 -6.09 -4.48
N ARG A 132 5.54 -5.45 -3.31
CA ARG A 132 5.90 -6.16 -2.06
C ARG A 132 4.94 -7.35 -1.88
N TYR A 133 3.65 -7.16 -2.18
CA TYR A 133 2.74 -8.32 -2.04
C TYR A 133 3.10 -9.42 -3.01
N LEU A 134 3.45 -9.02 -4.23
CA LEU A 134 3.91 -9.97 -5.23
C LEU A 134 5.15 -10.65 -4.64
N ALA A 135 6.06 -9.86 -4.07
CA ALA A 135 7.31 -10.45 -3.52
C ALA A 135 7.05 -11.48 -2.42
N GLU A 136 6.03 -11.25 -1.57
CA GLU A 136 5.74 -12.15 -0.50
C GLU A 136 5.50 -13.60 -0.97
N VAL A 137 4.98 -13.76 -2.20
CA VAL A 137 4.65 -15.07 -2.70
C VAL A 137 5.60 -15.50 -3.82
N ALA A 138 6.55 -14.64 -4.21
CA ALA A 138 7.44 -14.96 -5.35
C ALA A 138 8.46 -16.00 -4.93
N THR A 139 8.83 -16.93 -5.82
CA THR A 139 9.82 -18.00 -5.46
C THR A 139 10.72 -18.43 -6.62
N LYS A 143 11.93 -13.35 -8.71
CA LYS A 143 11.67 -12.79 -7.39
C LYS A 143 12.59 -11.58 -7.03
N LYS A 144 13.83 -11.63 -7.49
CA LYS A 144 14.71 -10.48 -7.22
C LYS A 144 14.23 -9.29 -7.98
N ARG A 145 13.74 -9.46 -9.21
CA ARG A 145 13.24 -8.31 -10.02
C ARG A 145 12.01 -7.63 -9.37
N ILE A 146 11.14 -8.46 -8.85
CA ILE A 146 9.94 -8.01 -8.16
C ILE A 146 10.35 -7.19 -6.89
N ILE A 147 11.26 -7.77 -6.10
CA ILE A 147 11.78 -7.09 -4.92
C ILE A 147 12.42 -5.78 -5.34
N ASP A 148 13.14 -5.80 -6.44
CA ASP A 148 13.77 -4.57 -6.87
C ASP A 148 12.74 -3.56 -7.34
N SER A 149 11.72 -4.04 -8.07
CA SER A 149 10.59 -3.13 -8.44
C SER A 149 9.93 -2.54 -7.18
N ALA A 150 9.68 -3.36 -6.16
CA ALA A 150 9.19 -2.78 -4.89
C ALA A 150 10.16 -1.70 -4.35
N ARG A 151 11.43 -2.06 -4.22
N ARG A 151 11.43 -2.08 -4.18
CA ARG A 151 12.42 -1.17 -3.63
CA ARG A 151 12.45 -1.17 -3.62
C ARG A 151 12.48 0.13 -4.42
C ARG A 151 12.52 0.12 -4.42
N SER A 152 12.56 -0.02 -5.75
CA SER A 152 12.65 1.15 -6.57
CA SER A 152 12.63 1.14 -6.58
C SER A 152 11.45 2.06 -6.45
N ALA A 153 10.24 1.51 -6.38
CA ALA A 153 9.05 2.35 -6.26
C ALA A 153 9.04 3.04 -4.89
N TYR A 154 9.38 2.30 -3.85
CA TYR A 154 9.44 2.89 -2.51
C TYR A 154 10.47 3.99 -2.44
N GLN A 155 11.62 3.75 -3.10
CA GLN A 155 12.76 4.66 -2.98
C GLN A 155 12.40 5.97 -3.64
N GLU A 156 11.76 5.90 -4.82
CA GLU A 156 11.35 7.10 -5.54
C GLU A 156 10.31 7.84 -4.70
N ALA A 157 9.37 7.10 -4.16
CA ALA A 157 8.40 7.72 -3.23
C ALA A 157 9.07 8.34 -2.03
N MET A 158 10.06 7.65 -1.42
CA MET A 158 10.77 8.21 -0.26
C MET A 158 11.48 9.51 -0.66
N ASP A 159 12.13 9.51 -1.83
CA ASP A 159 12.88 10.73 -2.20
C ASP A 159 11.90 11.94 -2.36
N ILE A 160 10.77 11.73 -3.02
CA ILE A 160 9.86 12.86 -3.20
C ILE A 160 9.31 13.28 -1.83
N SER A 161 8.91 12.30 -1.02
N SER A 161 8.96 12.27 -1.04
CA SER A 161 8.23 12.63 0.23
CA SER A 161 8.26 12.44 0.25
C SER A 161 9.15 13.43 1.13
C SER A 161 9.11 13.20 1.27
N LYS A 162 10.43 13.01 1.17
CA LYS A 162 11.41 13.68 1.99
C LYS A 162 11.63 15.08 1.48
N LYS A 163 11.66 15.28 0.16
CA LYS A 163 11.82 16.63 -0.37
C LYS A 163 10.57 17.49 -0.23
N GLU A 164 9.39 16.87 -0.30
N GLU A 164 9.39 16.88 -0.35
CA GLU A 164 8.19 17.64 -0.59
CA GLU A 164 8.18 17.67 -0.58
C GLU A 164 7.12 17.62 0.48
C GLU A 164 7.20 17.74 0.57
N MET A 165 7.33 16.83 1.55
CA MET A 165 6.30 16.69 2.59
C MET A 165 6.93 16.78 3.94
N PRO A 166 6.16 17.27 4.93
CA PRO A 166 6.63 17.35 6.31
C PRO A 166 6.77 15.92 6.86
N PRO A 167 7.64 15.72 7.86
CA PRO A 167 7.91 14.41 8.35
C PRO A 167 6.74 13.79 9.02
N THR A 168 5.70 14.58 9.33
CA THR A 168 4.53 14.01 9.95
C THR A 168 3.44 13.72 8.94
N ASN A 169 3.62 14.08 7.66
CA ASN A 169 2.53 13.81 6.69
C ASN A 169 2.14 12.31 6.78
N PRO A 170 0.84 11.95 7.00
CA PRO A 170 0.38 10.55 7.09
C PRO A 170 0.90 9.64 5.99
N ILE A 171 0.82 10.06 4.71
CA ILE A 171 1.36 9.25 3.62
C ILE A 171 2.86 9.10 3.65
N ARG A 172 3.60 10.18 3.90
CA ARG A 172 5.03 10.02 4.16
C ARG A 172 5.33 9.00 5.27
N LEU A 173 4.62 9.11 6.39
CA LEU A 173 4.73 8.13 7.48
C LEU A 173 4.33 6.73 7.05
N GLY A 174 3.21 6.61 6.33
CA GLY A 174 2.76 5.22 5.96
C GLY A 174 3.72 4.65 4.91
N LEU A 175 4.33 5.52 4.12
CA LEU A 175 5.26 5.06 3.09
C LEU A 175 6.46 4.51 3.87
N ALA A 176 6.95 5.27 4.82
CA ALA A 176 8.19 4.89 5.48
C ALA A 176 7.93 3.64 6.29
N LEU A 177 6.81 3.61 6.98
CA LEU A 177 6.41 2.35 7.67
C LEU A 177 6.45 1.11 6.74
N ASN A 178 5.81 1.19 5.55
CA ASN A 178 5.79 0.05 4.62
C ASN A 178 7.15 -0.23 4.04
N PHE A 179 7.94 0.82 3.83
CA PHE A 179 9.25 0.56 3.26
C PHE A 179 10.07 -0.14 4.29
N SER A 180 9.84 0.18 5.56
CA SER A 180 10.61 -0.45 6.65
CA SER A 180 10.63 -0.45 6.61
C SER A 180 10.18 -1.92 6.73
N VAL A 181 8.87 -2.15 6.61
CA VAL A 181 8.37 -3.56 6.55
C VAL A 181 8.98 -4.34 5.37
N PHE A 182 9.12 -3.67 4.24
CA PHE A 182 9.69 -4.27 3.07
C PHE A 182 11.10 -4.64 3.44
N HIS A 183 11.82 -3.72 4.08
CA HIS A 183 13.19 -4.02 4.35
C HIS A 183 13.28 -5.24 5.24
N TYR A 184 12.45 -5.23 6.28
CA TYR A 184 12.56 -6.29 7.28
C TYR A 184 12.08 -7.61 6.68
N GLU A 185 10.93 -7.56 6.02
CA GLU A 185 10.27 -8.80 5.69
C GLU A 185 10.67 -9.34 4.31
N ILE A 186 11.05 -8.47 3.40
CA ILE A 186 11.21 -8.90 2.05
C ILE A 186 12.68 -8.80 1.69
N ALA A 187 13.37 -7.73 2.10
CA ALA A 187 14.74 -7.45 1.59
C ALA A 187 15.74 -8.10 2.55
N ASN A 188 15.25 -8.78 3.57
CA ASN A 188 16.18 -9.38 4.53
C ASN A 188 17.17 -8.30 5.08
N SER A 189 16.65 -7.11 5.40
CA SER A 189 17.55 -6.07 5.89
C SER A 189 16.95 -5.52 7.14
N PRO A 190 16.91 -6.32 8.21
CA PRO A 190 16.23 -5.84 9.42
C PRO A 190 16.90 -4.57 9.98
N GLU A 191 18.22 -4.44 9.86
CA GLU A 191 18.86 -3.22 10.32
C GLU A 191 18.36 -1.99 9.56
N GLU A 192 18.30 -2.10 8.24
CA GLU A 192 17.75 -1.00 7.43
C GLU A 192 16.32 -0.70 7.89
N ALA A 193 15.50 -1.76 8.09
CA ALA A 193 14.11 -1.61 8.58
C ALA A 193 14.02 -0.80 9.85
N ILE A 194 14.86 -1.21 10.79
CA ILE A 194 14.91 -0.60 12.15
C ILE A 194 15.40 0.89 12.08
N SER A 195 16.43 1.12 11.30
CA SER A 195 17.00 2.47 11.14
C SER A 195 15.98 3.38 10.50
N LEU A 196 15.36 2.88 9.46
CA LEU A 196 14.31 3.65 8.87
C LEU A 196 13.15 3.96 9.82
N ALA A 197 12.64 2.95 10.50
CA ALA A 197 11.46 3.20 11.36
C ALA A 197 11.82 4.19 12.48
N LYS A 198 12.99 4.01 13.07
CA LYS A 198 13.45 4.87 14.15
C LYS A 198 13.63 6.33 13.67
N THR A 199 14.33 6.53 12.56
CA THR A 199 14.59 7.85 11.95
C THR A 199 13.28 8.52 11.54
N THR A 200 12.41 7.72 10.98
CA THR A 200 11.07 8.25 10.62
C THR A 200 10.28 8.71 11.86
N PHE A 201 10.23 7.86 12.87
CA PHE A 201 9.52 8.19 14.06
C PHE A 201 10.12 9.46 14.70
N ASP A 202 11.45 9.53 14.78
CA ASP A 202 12.15 10.62 15.46
C ASP A 202 11.95 11.93 14.75
N GLU A 203 12.03 11.94 13.44
CA GLU A 203 11.74 13.14 12.73
C GLU A 203 10.27 13.52 12.78
N ALA A 204 9.35 12.57 12.81
CA ALA A 204 7.96 12.93 12.95
C ALA A 204 7.75 13.54 14.34
N MET A 205 8.32 12.91 15.37
CA MET A 205 8.18 13.35 16.75
C MET A 205 8.54 14.86 16.81
N ALA A 206 9.62 15.20 16.16
CA ALA A 206 10.13 16.52 16.26
C ALA A 206 9.31 17.51 15.46
N ASP A 207 8.37 17.05 14.65
CA ASP A 207 7.53 17.96 13.80
C ASP A 207 6.10 18.05 14.35
N LEU A 208 5.78 17.26 15.37
CA LEU A 208 4.42 17.21 15.88
C LEU A 208 3.96 18.60 16.39
N HIS A 209 4.94 19.38 16.90
CA HIS A 209 4.62 20.66 17.53
C HIS A 209 3.97 21.59 16.51
N THR A 210 4.18 21.30 15.20
CA THR A 210 3.66 22.20 14.19
C THR A 210 2.21 21.90 13.87
N LEU A 211 1.68 20.79 14.39
CA LEU A 211 0.41 20.34 13.97
C LEU A 211 -0.79 20.82 14.83
N SER A 212 -1.94 20.90 14.18
CA SER A 212 -3.20 20.97 14.93
C SER A 212 -3.49 19.64 15.62
N GLU A 213 -4.45 19.67 16.52
CA GLU A 213 -4.82 18.50 17.31
C GLU A 213 -5.24 17.35 16.40
N ASP A 214 -5.96 17.65 15.32
CA ASP A 214 -6.45 16.61 14.43
C ASP A 214 -5.28 15.99 13.63
N SER A 215 -4.39 16.83 13.09
CA SER A 215 -3.22 16.31 12.36
C SER A 215 -2.30 15.54 13.34
N TYR A 216 -2.21 16.05 14.57
CA TYR A 216 -1.43 15.43 15.60
C TYR A 216 -1.97 14.05 15.84
N LYS A 217 -3.29 13.91 16.01
CA LYS A 217 -3.89 12.59 16.16
C LYS A 217 -3.60 11.68 14.91
N ASP A 218 -3.78 12.22 13.71
CA ASP A 218 -3.52 11.42 12.52
C ASP A 218 -2.08 10.90 12.48
N SER A 219 -1.08 11.73 12.78
CA SER A 219 0.31 11.33 12.65
C SER A 219 0.72 10.40 13.73
N THR A 220 0.30 10.70 14.95
CA THR A 220 0.78 9.91 16.06
C THR A 220 0.14 8.49 15.95
N LEU A 221 -1.05 8.41 15.38
N LEU A 221 -1.04 8.41 15.37
CA LEU A 221 -1.66 7.09 15.16
CA LEU A 221 -1.65 7.07 15.15
C LEU A 221 -0.70 6.26 14.28
C LEU A 221 -0.72 6.24 14.25
N ILE A 222 -0.10 6.87 13.27
CA ILE A 222 0.81 6.11 12.38
C ILE A 222 2.15 5.88 12.99
N MET A 223 2.65 6.87 13.74
CA MET A 223 3.92 6.74 14.45
C MET A 223 3.89 5.56 15.43
N GLN A 224 2.71 5.31 16.01
CA GLN A 224 2.59 4.22 16.90
C GLN A 224 2.84 2.88 16.21
N LEU A 225 2.43 2.73 14.93
CA LEU A 225 2.77 1.52 14.17
C LEU A 225 4.25 1.37 13.96
N LEU A 226 4.95 2.49 13.75
CA LEU A 226 6.43 2.43 13.62
C LEU A 226 7.03 1.94 14.92
N ARG A 227 6.55 2.55 16.00
CA ARG A 227 6.96 2.18 17.34
C ARG A 227 6.62 0.72 17.66
N ASP A 228 5.43 0.26 17.28
CA ASP A 228 5.07 -1.15 17.55
C ASP A 228 5.97 -2.06 16.76
N ASN A 229 6.31 -1.67 15.54
CA ASN A 229 7.21 -2.54 14.75
C ASN A 229 8.55 -2.57 15.40
N LEU A 230 9.03 -1.43 15.80
CA LEU A 230 10.36 -1.37 16.42
C LEU A 230 10.42 -2.20 17.68
N THR A 231 9.33 -2.18 18.45
CA THR A 231 9.23 -3.01 19.65
C THR A 231 9.25 -4.50 19.25
N LEU A 232 8.63 -4.86 18.13
CA LEU A 232 8.65 -6.22 17.67
C LEU A 232 10.08 -6.58 17.19
N TRP A 233 10.78 -5.60 16.60
CA TRP A 233 12.06 -5.91 15.96
C TRP A 233 13.30 -5.73 16.80
N THR A 234 13.20 -5.14 18.02
CA THR A 234 14.43 -4.79 18.76
C THR A 234 14.57 -5.22 20.23
N ALA B 8 4.60 -7.71 12.18
CA ALA B 8 4.86 -6.27 11.78
C ALA B 8 3.69 -5.62 11.05
N MET B 9 3.31 -4.44 11.49
CA MET B 9 2.19 -3.76 10.92
C MET B 9 2.63 -2.87 9.78
N SEP B 10 1.88 -3.00 8.68
CA SEP B 10 2.01 -2.07 7.60
CB SEP B 10 2.03 -2.84 6.25
OG SEP B 10 0.77 -3.44 6.07
C SEP B 10 0.90 -1.03 7.69
O SEP B 10 0.01 -1.13 8.53
P SEP B 10 0.69 -4.25 4.71
O1P SEP B 10 -0.73 -4.87 4.73
O2P SEP B 10 1.82 -5.32 4.70
O3P SEP B 10 0.90 -3.26 3.48
N PHE B 11 0.99 0.00 6.86
CA PHE B 11 0.12 1.14 6.91
C PHE B 11 -1.31 0.67 6.76
N GLN B 12 -2.16 1.19 7.63
CA GLN B 12 -3.49 0.62 7.77
C GLN B 12 -4.35 1.57 6.98
N SER B 13 -3.96 1.63 5.72
CA SER B 13 -4.19 2.73 4.79
C SER B 13 -5.37 3.69 5.12
#